data_7TVD
#
_entry.id   7TVD
#
_cell.length_a   149.420
_cell.length_b   149.420
_cell.length_c   149.420
_cell.angle_alpha   90.000
_cell.angle_beta   90.000
_cell.angle_gamma   90.000
#
_symmetry.space_group_name_H-M   'I 2 3'
#
_entity_poly.entity_id   1
_entity_poly.type   'polypeptide(L)'
_entity_poly.pdbx_seq_one_letter_code
;MKKGHHHHHHGGEAPNQALLRILKETEFKKIKVLGSGAFGTVYKGLWIPEGEKVKIPVAIKEATSPKANKEILDEAYVMA
SVDNPHVCRLLGICLTSTVQLITQLMPFGCLLDYVREHKDNIGSQYLLNWCVQIAKGMNYLEDRRLVHRDLAARNVLVKT
PQHVKITDFGLAKLLGAEEKEYHAEGGKVPIKWMALESILHRIYTHQSDVWSYGVTVWELMTFGSKPYDGIPASEISSIL
EKGERLPQPPICTIDVYMIMVKCWMIDADSRPKFRELIIEFSKMARDPQRYLVIQGDERMHLPSPTDSNFYRALMDEEDM
DDVVDADEYLIPQQG
;
_entity_poly.pdbx_strand_id   A
#
# COMPACT_ATOMS: atom_id res chain seq x y z
N ALA A 14 -21.16 -13.50 11.37
CA ALA A 14 -20.63 -12.15 11.56
C ALA A 14 -21.03 -11.22 10.41
N PRO A 15 -22.24 -10.67 10.47
CA PRO A 15 -22.76 -9.87 9.35
C PRO A 15 -21.79 -8.77 8.90
N ASN A 16 -21.77 -8.52 7.59
CA ASN A 16 -20.81 -7.58 7.01
C ASN A 16 -21.12 -6.15 7.43
N GLN A 17 -22.35 -5.70 7.20
CA GLN A 17 -22.89 -4.46 7.75
C GLN A 17 -22.18 -3.20 7.28
N ALA A 18 -21.23 -3.32 6.35
CA ALA A 18 -20.59 -2.13 5.80
C ALA A 18 -21.62 -1.22 5.15
N LEU A 19 -21.38 0.09 5.25
CA LEU A 19 -22.27 1.10 4.68
C LEU A 19 -21.68 1.59 3.36
N LEU A 20 -22.40 1.38 2.27
CA LEU A 20 -22.00 1.84 0.94
C LEU A 20 -22.72 3.13 0.65
N ARG A 21 -21.97 4.24 0.62
CA ARG A 21 -22.54 5.54 0.37
C ARG A 21 -22.58 5.80 -1.14
N ILE A 22 -23.75 6.21 -1.63
CA ILE A 22 -23.88 6.68 -3.00
C ILE A 22 -23.77 8.21 -2.96
N LEU A 23 -22.99 8.76 -3.89
CA LEU A 23 -22.60 10.16 -3.85
C LEU A 23 -23.17 10.90 -5.04
N LYS A 24 -23.50 12.17 -4.81
CA LYS A 24 -23.88 13.07 -5.89
C LYS A 24 -22.62 13.67 -6.51
N GLU A 25 -22.55 13.61 -7.83
CA GLU A 25 -21.51 14.21 -8.66
C GLU A 25 -21.63 15.72 -8.76
N THR A 26 -22.77 16.29 -8.35
CA THR A 26 -22.84 17.70 -8.05
C THR A 26 -22.16 18.04 -6.73
N GLU A 27 -21.77 17.02 -5.97
CA GLU A 27 -21.07 17.19 -4.70
C GLU A 27 -19.54 17.11 -4.85
N PHE A 28 -19.03 16.64 -5.99
CA PHE A 28 -17.59 16.58 -6.18
C PHE A 28 -17.19 17.12 -7.55
N LYS A 29 -16.01 17.71 -7.60
CA LYS A 29 -15.47 18.34 -8.80
C LYS A 29 -14.10 17.75 -9.12
N LYS A 30 -13.93 17.36 -10.38
CA LYS A 30 -12.66 16.82 -10.85
C LYS A 30 -11.71 17.98 -11.18
N ILE A 31 -10.52 17.94 -10.59
CA ILE A 31 -9.56 19.04 -10.75
C ILE A 31 -8.58 18.72 -11.87
N LYS A 32 -7.80 17.65 -11.70
CA LYS A 32 -6.79 17.27 -12.69
C LYS A 32 -6.83 15.76 -12.91
N VAL A 33 -6.33 15.35 -14.07
CA VAL A 33 -6.15 13.93 -14.36
C VAL A 33 -4.86 13.46 -13.72
N LEU A 34 -4.92 12.32 -13.03
CA LEU A 34 -3.74 11.73 -12.41
C LEU A 34 -3.27 10.45 -13.09
N GLY A 35 -4.08 9.87 -13.95
CA GLY A 35 -3.69 8.64 -14.63
C GLY A 35 -4.76 8.24 -15.62
N SER A 36 -4.40 7.27 -16.47
CA SER A 36 -5.31 6.73 -17.47
C SER A 36 -4.72 5.44 -18.01
N GLY A 37 -5.61 4.57 -18.48
CA GLY A 37 -5.17 3.31 -19.06
C GLY A 37 -6.15 2.17 -18.92
N ALA A 38 -5.69 1.06 -18.36
CA ALA A 38 -6.48 -0.17 -18.26
C ALA A 38 -7.70 0.00 -17.37
N PHE A 39 -7.47 0.16 -16.07
CA PHE A 39 -8.59 0.25 -15.13
C PHE A 39 -9.49 1.42 -15.43
N GLY A 40 -8.94 2.52 -15.92
CA GLY A 40 -9.72 3.72 -16.18
C GLY A 40 -8.99 4.96 -15.73
N THR A 41 -9.53 6.13 -16.11
CA THR A 41 -8.89 7.39 -15.76
C THR A 41 -9.25 7.78 -14.33
N VAL A 42 -8.24 8.20 -13.57
CA VAL A 42 -8.38 8.54 -12.16
C VAL A 42 -8.05 10.01 -11.98
N TYR A 43 -8.90 10.74 -11.28
CA TYR A 43 -8.79 12.19 -11.15
C TYR A 43 -8.48 12.58 -9.71
N LYS A 44 -7.69 13.63 -9.57
CA LYS A 44 -7.58 14.34 -8.30
C LYS A 44 -8.72 15.35 -8.22
N GLY A 45 -9.45 15.35 -7.10
CA GLY A 45 -10.59 16.22 -7.01
C GLY A 45 -10.99 16.47 -5.57
N LEU A 46 -12.06 17.25 -5.42
CA LEU A 46 -12.60 17.59 -4.11
C LEU A 46 -14.06 17.18 -4.02
N TRP A 47 -14.46 16.70 -2.86
CA TRP A 47 -15.85 16.36 -2.57
C TRP A 47 -16.38 17.32 -1.51
N ILE A 48 -17.51 17.95 -1.78
CA ILE A 48 -18.15 18.84 -0.83
C ILE A 48 -19.47 18.22 -0.39
N PRO A 49 -19.46 17.43 0.69
CA PRO A 49 -20.71 16.96 1.30
C PRO A 49 -21.68 18.12 1.46
N GLU A 50 -22.77 18.11 0.70
CA GLU A 50 -23.66 19.26 0.70
C GLU A 50 -24.28 19.47 2.07
N GLY A 51 -24.53 20.74 2.40
CA GLY A 51 -25.04 21.11 3.70
C GLY A 51 -24.08 20.86 4.85
N GLU A 52 -22.89 20.31 4.58
CA GLU A 52 -21.95 20.01 5.64
C GLU A 52 -20.84 21.05 5.78
N LYS A 53 -20.67 21.94 4.80
CA LYS A 53 -19.69 23.03 4.87
C LYS A 53 -18.27 22.47 4.97
N VAL A 54 -17.97 21.51 4.09
CA VAL A 54 -16.77 20.66 4.17
C VAL A 54 -16.30 20.31 2.77
N LYS A 55 -15.00 20.45 2.52
CA LYS A 55 -14.37 20.03 1.26
C LYS A 55 -13.40 18.90 1.53
N ILE A 56 -13.57 17.78 0.83
CA ILE A 56 -12.77 16.59 1.07
C ILE A 56 -11.89 16.35 -0.17
N PRO A 57 -10.56 16.45 -0.05
CA PRO A 57 -9.69 15.99 -1.16
C PRO A 57 -9.85 14.51 -1.45
N VAL A 58 -10.34 14.18 -2.64
CA VAL A 58 -10.65 12.79 -3.00
C VAL A 58 -9.87 12.41 -4.24
N ALA A 59 -9.87 11.11 -4.53
CA ALA A 59 -9.47 10.55 -5.81
C ALA A 59 -10.68 9.87 -6.43
N ILE A 60 -10.98 10.22 -7.67
CA ILE A 60 -12.16 9.71 -8.36
C ILE A 60 -11.69 8.77 -9.48
N LYS A 61 -11.99 7.48 -9.32
CA LYS A 61 -11.64 6.45 -10.29
C LYS A 61 -12.85 6.23 -11.20
N GLU A 62 -12.75 6.69 -12.44
CA GLU A 62 -13.85 6.59 -13.40
C GLU A 62 -13.64 5.36 -14.28
N ALA A 63 -14.72 4.60 -14.48
CA ALA A 63 -14.62 3.37 -15.26
C ALA A 63 -14.24 3.66 -16.70
N THR A 64 -13.43 2.77 -17.29
CA THR A 64 -13.00 2.93 -18.67
C THR A 64 -14.20 3.05 -19.61
N SER A 65 -15.22 2.20 -19.40
CA SER A 65 -16.42 2.22 -20.20
C SER A 65 -17.52 1.52 -19.41
N PRO A 66 -18.81 1.74 -19.78
CA PRO A 66 -19.90 1.08 -19.04
C PRO A 66 -19.81 -0.44 -18.96
N LYS A 67 -18.82 -1.04 -19.65
CA LYS A 67 -18.55 -2.47 -19.53
C LYS A 67 -17.62 -2.79 -18.37
N ALA A 68 -16.66 -1.91 -18.09
CA ALA A 68 -15.69 -2.14 -17.01
C ALA A 68 -16.23 -1.78 -15.64
N ASN A 69 -17.54 -1.53 -15.51
CA ASN A 69 -18.11 -1.20 -14.21
C ASN A 69 -17.91 -2.33 -13.21
N LYS A 70 -18.27 -3.56 -13.60
CA LYS A 70 -18.16 -4.73 -12.71
C LYS A 70 -16.92 -4.70 -11.84
N GLU A 71 -15.76 -4.44 -12.45
CA GLU A 71 -14.51 -4.38 -11.69
C GLU A 71 -14.54 -3.26 -10.66
N ILE A 72 -15.27 -2.17 -10.92
CA ILE A 72 -15.33 -1.07 -9.97
C ILE A 72 -16.19 -1.46 -8.77
N LEU A 73 -17.41 -1.95 -9.01
CA LEU A 73 -18.30 -2.25 -7.89
C LEU A 73 -17.75 -3.35 -7.00
N ASP A 74 -17.00 -4.29 -7.57
CA ASP A 74 -16.31 -5.26 -6.72
C ASP A 74 -15.28 -4.58 -5.84
N GLU A 75 -14.49 -3.67 -6.41
CA GLU A 75 -13.53 -2.91 -5.61
C GLU A 75 -14.23 -2.09 -4.53
N ALA A 76 -15.42 -1.56 -4.83
CA ALA A 76 -16.17 -0.80 -3.83
C ALA A 76 -16.64 -1.70 -2.70
N TYR A 77 -17.00 -2.95 -3.02
CA TYR A 77 -17.40 -3.89 -1.99
C TYR A 77 -16.29 -4.12 -0.98
N VAL A 78 -15.06 -4.31 -1.45
CA VAL A 78 -13.95 -4.60 -0.54
C VAL A 78 -13.57 -3.37 0.26
N MET A 79 -13.40 -2.23 -0.42
CA MET A 79 -12.94 -1.02 0.26
C MET A 79 -13.92 -0.57 1.34
N ALA A 80 -15.22 -0.77 1.13
CA ALA A 80 -16.20 -0.38 2.13
C ALA A 80 -16.17 -1.29 3.35
N SER A 81 -15.65 -2.51 3.21
CA SER A 81 -15.71 -3.51 4.28
C SER A 81 -14.51 -3.45 5.22
N VAL A 82 -13.69 -2.40 5.14
CA VAL A 82 -12.52 -2.26 5.99
C VAL A 82 -12.49 -0.88 6.60
N ASP A 83 -11.76 -0.77 7.72
CA ASP A 83 -11.63 0.51 8.43
C ASP A 83 -10.40 0.41 9.34
N ASN A 84 -9.27 0.98 8.88
CA ASN A 84 -8.04 0.94 9.65
C ASN A 84 -7.15 2.10 9.22
N PRO A 85 -6.43 2.75 10.15
CA PRO A 85 -5.59 3.89 9.78
C PRO A 85 -4.52 3.58 8.75
N HIS A 86 -4.26 2.30 8.45
CA HIS A 86 -3.21 1.92 7.50
C HIS A 86 -3.79 1.07 6.37
N VAL A 87 -5.07 1.25 6.08
CA VAL A 87 -5.75 0.64 4.94
C VAL A 87 -6.54 1.73 4.25
N CYS A 88 -6.61 1.68 2.92
CA CYS A 88 -7.24 2.75 2.17
C CYS A 88 -8.73 2.81 2.48
N ARG A 89 -9.26 4.03 2.57
CA ARG A 89 -10.64 4.26 2.97
C ARG A 89 -11.49 4.62 1.75
N LEU A 90 -12.67 4.01 1.66
CA LEU A 90 -13.67 4.36 0.67
C LEU A 90 -14.63 5.39 1.24
N LEU A 91 -14.90 6.45 0.49
CA LEU A 91 -15.92 7.42 0.91
C LEU A 91 -17.27 7.19 0.25
N GLY A 92 -17.29 6.77 -1.01
CA GLY A 92 -18.56 6.51 -1.67
C GLY A 92 -18.36 6.27 -3.14
N ILE A 93 -19.48 5.93 -3.79
CA ILE A 93 -19.50 5.68 -5.22
C ILE A 93 -20.53 6.59 -5.86
N CYS A 94 -20.44 6.70 -7.18
CA CYS A 94 -21.33 7.54 -7.97
C CYS A 94 -21.83 6.74 -9.16
N LEU A 95 -23.14 6.58 -9.26
CA LEU A 95 -23.72 5.68 -10.25
C LEU A 95 -24.06 6.43 -11.54
N THR A 96 -23.02 7.00 -12.16
CA THR A 96 -23.14 7.67 -13.44
C THR A 96 -23.18 6.63 -14.56
N SER A 97 -23.15 7.09 -15.81
CA SER A 97 -23.08 6.18 -16.94
C SER A 97 -21.88 5.24 -16.81
N THR A 98 -20.70 5.80 -16.58
CA THR A 98 -19.55 5.06 -16.09
C THR A 98 -19.45 5.36 -14.61
N VAL A 99 -19.67 4.34 -13.77
CA VAL A 99 -19.70 4.55 -12.34
C VAL A 99 -18.35 5.07 -11.86
N GLN A 100 -18.38 5.85 -10.77
CA GLN A 100 -17.21 6.54 -10.26
C GLN A 100 -16.90 6.07 -8.84
N LEU A 101 -15.61 5.94 -8.53
CA LEU A 101 -15.12 5.39 -7.28
C LEU A 101 -14.37 6.50 -6.54
N ILE A 102 -14.92 6.95 -5.43
CA ILE A 102 -14.39 8.10 -4.68
C ILE A 102 -13.61 7.58 -3.48
N THR A 103 -12.28 7.68 -3.54
CA THR A 103 -11.39 7.25 -2.47
C THR A 103 -10.56 8.42 -1.95
N GLN A 104 -10.02 8.22 -0.75
CA GLN A 104 -9.22 9.26 -0.09
C GLN A 104 -7.99 9.60 -0.93
N LEU A 105 -7.75 10.90 -1.11
CA LEU A 105 -6.67 11.36 -1.96
C LEU A 105 -5.33 11.15 -1.27
N MET A 106 -4.44 10.39 -1.92
CA MET A 106 -3.08 10.12 -1.44
C MET A 106 -2.13 10.97 -2.28
N PRO A 107 -1.85 12.21 -1.88
CA PRO A 107 -1.19 13.15 -2.81
C PRO A 107 0.20 12.74 -3.26
N PHE A 108 0.94 11.96 -2.47
CA PHE A 108 2.33 11.66 -2.80
C PHE A 108 2.49 10.40 -3.65
N GLY A 109 1.40 9.78 -4.07
CA GLY A 109 1.49 8.64 -4.98
C GLY A 109 1.73 7.33 -4.25
N CYS A 110 2.33 6.39 -4.96
CA CYS A 110 2.63 5.08 -4.38
C CYS A 110 4.05 5.08 -3.82
N LEU A 111 4.24 4.27 -2.78
CA LEU A 111 5.52 4.26 -2.07
C LEU A 111 6.67 3.86 -2.97
N LEU A 112 6.41 3.01 -3.97
CA LEU A 112 7.47 2.62 -4.90
C LEU A 112 8.05 3.83 -5.62
N ASP A 113 7.20 4.64 -6.25
CA ASP A 113 7.68 5.84 -6.92
C ASP A 113 8.29 6.81 -5.92
N TYR A 114 7.77 6.85 -4.70
CA TYR A 114 8.23 7.84 -3.72
C TYR A 114 9.66 7.56 -3.29
N VAL A 115 10.01 6.29 -3.04
CA VAL A 115 11.35 5.98 -2.58
C VAL A 115 12.36 6.12 -3.71
N ARG A 116 11.93 5.91 -4.96
CA ARG A 116 12.83 6.10 -6.09
C ARG A 116 13.15 7.57 -6.29
N GLU A 117 12.13 8.43 -6.24
CA GLU A 117 12.33 9.86 -6.51
C GLU A 117 13.19 10.53 -5.44
N HIS A 118 12.98 10.15 -4.18
CA HIS A 118 13.63 10.85 -3.07
C HIS A 118 14.74 10.04 -2.41
N LYS A 119 15.15 8.92 -3.02
CA LYS A 119 16.14 7.96 -2.47
C LYS A 119 17.21 8.64 -1.61
N ASP A 120 17.63 9.83 -2.00
CA ASP A 120 18.69 10.54 -1.30
C ASP A 120 18.16 11.48 -0.22
N ASN A 121 16.94 11.26 0.29
CA ASN A 121 16.47 12.08 1.39
C ASN A 121 15.53 11.33 2.32
N ILE A 122 15.60 10.01 2.37
CA ILE A 122 14.85 9.23 3.35
C ILE A 122 15.84 8.61 4.33
N GLY A 123 15.63 8.86 5.62
CA GLY A 123 16.46 8.29 6.66
C GLY A 123 15.86 7.02 7.26
N SER A 124 16.57 6.48 8.25
CA SER A 124 16.20 5.20 8.82
C SER A 124 14.90 5.27 9.61
N GLN A 125 14.64 6.42 10.25
CA GLN A 125 13.37 6.59 10.97
C GLN A 125 12.18 6.33 10.05
N TYR A 126 12.24 6.84 8.83
CA TYR A 126 11.11 6.71 7.92
C TYR A 126 10.98 5.30 7.39
N LEU A 127 12.11 4.68 7.00
CA LEU A 127 12.07 3.31 6.49
C LEU A 127 11.44 2.37 7.51
N LEU A 128 11.94 2.39 8.75
CA LEU A 128 11.42 1.47 9.76
C LEU A 128 9.99 1.82 10.16
N ASN A 129 9.65 3.11 10.15
CA ASN A 129 8.26 3.49 10.45
C ASN A 129 7.32 3.03 9.35
N TRP A 130 7.76 3.00 8.10
CA TRP A 130 6.91 2.45 7.05
C TRP A 130 6.71 0.95 7.24
N CYS A 131 7.77 0.23 7.58
CA CYS A 131 7.63 -1.21 7.80
C CYS A 131 6.63 -1.51 8.91
N VAL A 132 6.70 -0.78 10.02
CA VAL A 132 5.76 -1.04 11.11
C VAL A 132 4.35 -0.63 10.72
N GLN A 133 4.21 0.42 9.92
CA GLN A 133 2.87 0.85 9.51
C GLN A 133 2.24 -0.15 8.55
N ILE A 134 3.00 -0.61 7.55
CA ILE A 134 2.48 -1.58 6.60
C ILE A 134 2.13 -2.88 7.32
N ALA A 135 2.97 -3.30 8.27
CA ALA A 135 2.67 -4.50 9.04
C ALA A 135 1.40 -4.32 9.86
N LYS A 136 1.16 -3.11 10.36
CA LYS A 136 -0.07 -2.84 11.10
C LYS A 136 -1.30 -3.06 10.22
N GLY A 137 -1.32 -2.43 9.04
CA GLY A 137 -2.43 -2.62 8.13
C GLY A 137 -2.61 -4.07 7.74
N MET A 138 -1.50 -4.77 7.50
CA MET A 138 -1.58 -6.19 7.15
C MET A 138 -2.12 -7.01 8.32
N ASN A 139 -1.73 -6.66 9.55
CA ASN A 139 -2.28 -7.33 10.72
C ASN A 139 -3.78 -7.07 10.85
N TYR A 140 -4.26 -5.92 10.35
CA TYR A 140 -5.69 -5.65 10.37
C TYR A 140 -6.42 -6.52 9.36
N LEU A 141 -5.91 -6.60 8.14
CA LEU A 141 -6.52 -7.47 7.13
C LEU A 141 -6.50 -8.93 7.58
N GLU A 142 -5.55 -9.29 8.44
CA GLU A 142 -5.55 -10.63 9.03
C GLU A 142 -6.71 -10.80 10.00
N ASP A 143 -6.88 -9.83 10.92
CA ASP A 143 -7.99 -9.88 11.87
C ASP A 143 -9.35 -9.97 11.18
N ARG A 144 -9.46 -9.41 9.97
CA ARG A 144 -10.70 -9.48 9.21
C ARG A 144 -10.75 -10.67 8.28
N ARG A 145 -9.73 -11.54 8.31
CA ARG A 145 -9.68 -12.76 7.49
C ARG A 145 -9.68 -12.43 5.99
N LEU A 146 -9.10 -11.30 5.61
CA LEU A 146 -8.98 -10.89 4.22
C LEU A 146 -7.53 -11.04 3.78
N VAL A 147 -7.33 -11.67 2.62
CA VAL A 147 -6.00 -11.86 2.06
C VAL A 147 -5.78 -10.85 0.95
N HIS A 148 -4.64 -10.17 0.98
CA HIS A 148 -4.35 -9.14 -0.01
C HIS A 148 -4.10 -9.75 -1.39
N ARG A 149 -3.13 -10.66 -1.47
CA ARG A 149 -2.72 -11.45 -2.63
C ARG A 149 -1.91 -10.63 -3.64
N ASP A 150 -1.70 -9.34 -3.42
CA ASP A 150 -0.84 -8.55 -4.31
C ASP A 150 -0.16 -7.44 -3.52
N LEU A 151 0.40 -7.80 -2.37
CA LEU A 151 1.16 -6.83 -1.58
C LEU A 151 2.48 -6.53 -2.28
N ALA A 152 2.64 -5.29 -2.71
CA ALA A 152 3.88 -4.85 -3.34
C ALA A 152 4.12 -3.40 -2.94
N ALA A 153 5.32 -2.90 -3.26
CA ALA A 153 5.59 -1.49 -3.00
C ALA A 153 4.65 -0.59 -3.78
N ARG A 154 4.19 -1.04 -4.95
CA ARG A 154 3.29 -0.24 -5.77
C ARG A 154 1.92 -0.08 -5.12
N ASN A 155 1.44 -1.12 -4.43
CA ASN A 155 0.13 -1.10 -3.79
C ASN A 155 0.17 -0.54 -2.37
N VAL A 156 1.08 0.39 -2.08
CA VAL A 156 1.12 1.10 -0.80
C VAL A 156 1.18 2.57 -1.13
N LEU A 157 0.12 3.31 -0.80
CA LEU A 157 0.00 4.72 -1.11
C LEU A 157 0.40 5.59 0.08
N VAL A 158 0.80 6.82 -0.23
CA VAL A 158 1.44 7.72 0.72
C VAL A 158 0.54 8.92 0.94
N LYS A 159 -0.08 8.98 2.13
CA LYS A 159 -0.86 10.16 2.51
C LYS A 159 0.05 11.35 2.79
N THR A 160 0.92 11.21 3.77
CA THR A 160 2.02 12.11 4.07
C THR A 160 3.28 11.26 4.17
N PRO A 161 4.46 11.87 4.08
CA PRO A 161 5.70 11.07 4.22
C PRO A 161 5.77 10.27 5.51
N GLN A 162 4.93 10.56 6.50
CA GLN A 162 4.91 9.85 7.76
C GLN A 162 3.72 8.91 7.89
N HIS A 163 2.84 8.84 6.90
CA HIS A 163 1.61 8.05 6.97
C HIS A 163 1.38 7.37 5.63
N VAL A 164 1.40 6.04 5.63
CA VAL A 164 1.18 5.25 4.43
C VAL A 164 0.02 4.30 4.69
N LYS A 165 -0.66 3.91 3.60
CA LYS A 165 -1.82 3.05 3.67
C LYS A 165 -1.79 2.04 2.53
N ILE A 166 -2.22 0.81 2.81
CA ILE A 166 -2.25 -0.26 1.81
C ILE A 166 -3.48 -0.12 0.92
N THR A 167 -3.35 -0.59 -0.32
CA THR A 167 -4.43 -0.48 -1.30
C THR A 167 -4.41 -1.71 -2.21
N ASP A 168 -5.49 -1.85 -2.99
CA ASP A 168 -5.67 -2.95 -3.94
C ASP A 168 -5.67 -4.31 -3.23
N PHE A 169 -6.50 -4.41 -2.20
CA PHE A 169 -6.58 -5.62 -1.38
C PHE A 169 -7.81 -6.43 -1.71
N GLY A 170 -7.67 -7.75 -1.69
CA GLY A 170 -8.79 -8.66 -1.85
C GLY A 170 -9.39 -8.73 -3.24
N LEU A 171 -8.71 -8.20 -4.26
CA LEU A 171 -9.21 -8.25 -5.63
C LEU A 171 -8.15 -8.85 -6.54
N ALA A 172 -8.58 -9.78 -7.39
CA ALA A 172 -7.67 -10.46 -8.32
C ALA A 172 -8.40 -10.87 -9.58
N VAL A 189 1.02 -11.02 -13.87
CA VAL A 189 1.18 -11.79 -12.64
C VAL A 189 2.49 -11.44 -11.95
N PRO A 190 2.41 -11.03 -10.66
CA PRO A 190 3.59 -10.56 -9.91
C PRO A 190 4.37 -11.72 -9.30
N ILE A 191 4.97 -12.52 -10.18
CA ILE A 191 5.52 -13.81 -9.78
C ILE A 191 6.64 -13.63 -8.76
N LYS A 192 7.43 -12.57 -8.93
CA LYS A 192 8.59 -12.35 -8.06
C LYS A 192 8.20 -11.92 -6.66
N TRP A 193 6.93 -11.61 -6.42
CA TRP A 193 6.45 -11.22 -5.09
C TRP A 193 5.76 -12.35 -4.35
N MET A 194 5.38 -13.43 -5.04
CA MET A 194 4.54 -14.47 -4.46
C MET A 194 5.36 -15.52 -3.73
N ALA A 195 4.73 -16.12 -2.71
CA ALA A 195 5.33 -17.22 -1.98
C ALA A 195 5.28 -18.49 -2.81
N LEU A 196 6.11 -19.47 -2.42
CA LEU A 196 6.28 -20.67 -3.23
C LEU A 196 4.98 -21.46 -3.35
N GLU A 197 4.21 -21.56 -2.25
CA GLU A 197 2.95 -22.28 -2.33
C GLU A 197 1.95 -21.58 -3.23
N SER A 198 2.06 -20.26 -3.39
CA SER A 198 1.23 -19.55 -4.35
C SER A 198 1.68 -19.82 -5.77
N ILE A 199 2.99 -20.03 -5.96
CA ILE A 199 3.53 -20.33 -7.28
C ILE A 199 3.03 -21.69 -7.75
N LEU A 200 3.44 -22.75 -7.04
CA LEU A 200 3.24 -24.12 -7.51
C LEU A 200 1.82 -24.61 -7.27
N HIS A 201 1.21 -24.24 -6.16
CA HIS A 201 -0.08 -24.78 -5.76
C HIS A 201 -1.21 -23.76 -5.76
N ARG A 202 -0.93 -22.51 -6.15
CA ARG A 202 -1.94 -21.45 -6.17
C ARG A 202 -2.59 -21.26 -4.80
N ILE A 203 -1.78 -21.41 -3.75
CA ILE A 203 -2.26 -21.30 -2.37
C ILE A 203 -1.95 -19.90 -1.87
N TYR A 204 -3.01 -19.16 -1.51
CA TYR A 204 -2.89 -17.79 -1.00
C TYR A 204 -3.49 -17.74 0.39
N THR A 205 -2.64 -17.55 1.40
CA THR A 205 -3.08 -17.37 2.78
C THR A 205 -2.43 -16.14 3.38
N HIS A 206 -2.60 -15.94 4.69
CA HIS A 206 -1.97 -14.80 5.35
C HIS A 206 -0.47 -15.02 5.49
N GLN A 207 -0.02 -16.27 5.58
CA GLN A 207 1.41 -16.55 5.60
C GLN A 207 2.03 -16.45 4.22
N SER A 208 1.23 -16.57 3.16
CA SER A 208 1.74 -16.22 1.83
C SER A 208 1.86 -14.72 1.65
N ASP A 209 1.12 -13.93 2.47
CA ASP A 209 1.22 -12.48 2.41
C ASP A 209 2.47 -11.96 3.08
N VAL A 210 2.93 -12.63 4.14
CA VAL A 210 4.15 -12.17 4.81
C VAL A 210 5.36 -12.34 3.90
N TRP A 211 5.32 -13.32 2.99
CA TRP A 211 6.36 -13.44 1.98
C TRP A 211 6.40 -12.20 1.10
N SER A 212 5.25 -11.81 0.55
CA SER A 212 5.17 -10.58 -0.21
C SER A 212 5.66 -9.40 0.64
N TYR A 213 5.25 -9.36 1.91
CA TYR A 213 5.72 -8.32 2.82
C TYR A 213 7.24 -8.30 2.88
N GLY A 214 7.87 -9.47 2.87
CA GLY A 214 9.32 -9.53 2.85
C GLY A 214 9.93 -8.94 1.60
N VAL A 215 9.26 -9.13 0.45
CA VAL A 215 9.76 -8.56 -0.80
C VAL A 215 9.65 -7.04 -0.78
N THR A 216 8.52 -6.52 -0.29
CA THR A 216 8.32 -5.07 -0.30
C THR A 216 9.30 -4.37 0.62
N VAL A 217 9.60 -4.97 1.78
CA VAL A 217 10.62 -4.40 2.65
C VAL A 217 11.96 -4.36 1.92
N TRP A 218 12.27 -5.44 1.19
CA TRP A 218 13.46 -5.44 0.33
C TRP A 218 13.36 -4.36 -0.75
N GLU A 219 12.15 -4.11 -1.25
CA GLU A 219 11.96 -3.03 -2.21
C GLU A 219 12.32 -1.68 -1.58
N LEU A 220 11.86 -1.43 -0.35
CA LEU A 220 12.13 -0.16 0.30
C LEU A 220 13.59 -0.05 0.71
N MET A 221 14.15 -1.11 1.30
CA MET A 221 15.54 -1.07 1.76
C MET A 221 16.52 -0.89 0.59
N THR A 222 16.12 -1.26 -0.61
CA THR A 222 16.94 -1.08 -1.81
C THR A 222 16.56 0.18 -2.59
N PHE A 223 15.67 1.02 -2.04
CA PHE A 223 15.27 2.28 -2.65
C PHE A 223 14.63 2.05 -4.03
N GLY A 224 13.65 1.15 -4.07
CA GLY A 224 12.87 0.94 -5.28
C GLY A 224 13.59 0.15 -6.35
N SER A 225 14.18 -0.98 -5.97
CA SER A 225 14.90 -1.85 -6.91
C SER A 225 14.01 -3.01 -7.33
N LYS A 226 14.24 -3.49 -8.55
CA LYS A 226 13.44 -4.58 -9.09
C LYS A 226 13.93 -5.92 -8.55
N PRO A 227 13.11 -6.67 -7.81
CA PRO A 227 13.56 -7.95 -7.26
C PRO A 227 13.77 -8.98 -8.36
N TYR A 228 14.86 -9.73 -8.24
CA TYR A 228 15.29 -10.67 -9.27
C TYR A 228 15.33 -9.96 -10.63
N ASP A 229 16.20 -8.96 -10.72
CA ASP A 229 16.19 -8.05 -11.85
C ASP A 229 16.40 -8.78 -13.17
N GLY A 230 17.45 -9.59 -13.25
CA GLY A 230 17.79 -10.22 -14.52
C GLY A 230 17.13 -11.56 -14.80
N ILE A 231 16.31 -12.07 -13.88
CA ILE A 231 15.78 -13.43 -13.98
C ILE A 231 14.44 -13.43 -14.70
N PRO A 232 14.18 -14.41 -15.57
CA PRO A 232 12.83 -14.54 -16.13
C PRO A 232 11.86 -15.17 -15.14
N ALA A 233 10.57 -15.04 -15.45
CA ALA A 233 9.53 -15.44 -14.51
C ALA A 233 9.52 -16.95 -14.27
N SER A 234 9.84 -17.75 -15.28
CA SER A 234 9.65 -19.19 -15.18
C SER A 234 10.68 -19.84 -14.26
N GLU A 235 11.93 -19.37 -14.30
CA GLU A 235 13.00 -20.01 -13.55
C GLU A 235 12.88 -19.83 -12.04
N ILE A 236 11.99 -18.95 -11.58
CA ILE A 236 12.00 -18.56 -10.17
C ILE A 236 11.60 -19.73 -9.27
N SER A 237 10.67 -20.56 -9.71
CA SER A 237 10.09 -21.58 -8.83
C SER A 237 11.16 -22.54 -8.31
N SER A 238 12.03 -23.03 -9.18
CA SER A 238 13.09 -23.93 -8.75
C SER A 238 14.22 -23.21 -8.04
N ILE A 239 14.39 -21.91 -8.29
CA ILE A 239 15.41 -21.14 -7.58
C ILE A 239 15.06 -21.07 -6.09
N LEU A 240 13.80 -20.79 -5.78
CA LEU A 240 13.35 -20.75 -4.38
C LEU A 240 13.22 -22.15 -3.80
N GLU A 241 12.52 -23.04 -4.51
CA GLU A 241 12.34 -24.41 -4.03
C GLU A 241 13.64 -25.04 -3.59
N LYS A 242 14.73 -24.74 -4.29
CA LYS A 242 16.00 -25.33 -3.90
C LYS A 242 16.69 -24.50 -2.82
N GLY A 243 16.67 -23.17 -2.90
CA GLY A 243 17.01 -22.41 -1.70
C GLY A 243 17.63 -21.03 -1.81
N GLU A 244 17.52 -20.38 -2.97
CA GLU A 244 18.09 -19.06 -3.16
C GLU A 244 17.06 -17.97 -2.91
N ARG A 245 17.53 -16.82 -2.40
CA ARG A 245 16.67 -15.69 -2.08
C ARG A 245 17.31 -14.40 -2.56
N LEU A 246 16.66 -13.28 -2.23
CA LEU A 246 17.16 -11.96 -2.61
C LEU A 246 18.42 -11.61 -1.79
N PRO A 247 19.28 -10.75 -2.33
CA PRO A 247 20.53 -10.41 -1.62
C PRO A 247 20.29 -9.43 -0.48
N GLN A 248 21.36 -9.13 0.24
CA GLN A 248 21.28 -8.26 1.40
C GLN A 248 21.43 -6.81 0.96
N PRO A 249 20.44 -5.95 1.21
CA PRO A 249 20.60 -4.52 0.88
C PRO A 249 21.80 -3.94 1.58
N PRO A 250 22.59 -3.10 0.90
CA PRO A 250 23.79 -2.54 1.52
C PRO A 250 23.51 -1.78 2.82
N ILE A 251 22.41 -1.02 2.87
CA ILE A 251 22.08 -0.26 4.08
C ILE A 251 21.50 -1.13 5.18
N CYS A 252 21.29 -2.42 4.94
CA CYS A 252 20.60 -3.30 5.87
C CYS A 252 21.61 -4.03 6.75
N THR A 253 21.45 -3.90 8.06
CA THR A 253 22.20 -4.74 8.97
C THR A 253 21.63 -6.17 8.94
N ILE A 254 22.37 -7.10 9.56
CA ILE A 254 21.92 -8.48 9.59
C ILE A 254 20.63 -8.62 10.39
N ASP A 255 20.34 -7.68 11.29
CA ASP A 255 19.11 -7.76 12.08
C ASP A 255 17.87 -7.61 11.19
N VAL A 256 17.80 -6.53 10.41
CA VAL A 256 16.66 -6.33 9.54
C VAL A 256 16.66 -7.35 8.41
N TYR A 257 17.83 -7.79 7.96
CA TYR A 257 17.85 -8.76 6.86
C TYR A 257 17.44 -10.15 7.35
N MET A 258 17.69 -10.47 8.62
CA MET A 258 17.30 -11.77 9.15
C MET A 258 15.78 -11.94 9.12
N ILE A 259 15.03 -10.88 9.45
CA ILE A 259 13.58 -11.04 9.44
C ILE A 259 13.04 -11.04 8.01
N MET A 260 13.79 -10.46 7.06
CA MET A 260 13.40 -10.57 5.66
C MET A 260 13.48 -12.01 5.18
N VAL A 261 14.56 -12.72 5.54
CA VAL A 261 14.68 -14.09 5.08
C VAL A 261 13.73 -15.00 5.86
N LYS A 262 13.47 -14.69 7.14
CA LYS A 262 12.47 -15.44 7.90
C LYS A 262 11.10 -15.35 7.24
N CYS A 263 10.82 -14.26 6.53
CA CYS A 263 9.58 -14.13 5.78
C CYS A 263 9.55 -15.04 4.56
N TRP A 264 10.71 -15.52 4.11
CA TRP A 264 10.81 -16.28 2.87
C TRP A 264 11.06 -17.76 3.10
N MET A 265 10.69 -18.28 4.28
CA MET A 265 10.69 -19.72 4.48
C MET A 265 9.66 -20.38 3.57
N ILE A 266 9.94 -21.61 3.17
CA ILE A 266 8.96 -22.34 2.37
C ILE A 266 7.84 -22.89 3.24
N ASP A 267 8.09 -23.08 4.52
CA ASP A 267 7.12 -23.61 5.47
C ASP A 267 6.36 -22.42 6.05
N ALA A 268 5.10 -22.28 5.64
CA ALA A 268 4.34 -21.07 5.96
C ALA A 268 4.25 -20.85 7.47
N ASP A 269 4.25 -21.92 8.27
CA ASP A 269 4.12 -21.78 9.71
C ASP A 269 5.43 -21.35 10.37
N SER A 270 6.57 -21.50 9.70
CA SER A 270 7.84 -21.00 10.22
C SER A 270 8.08 -19.54 9.87
N ARG A 271 7.26 -18.95 9.00
CA ARG A 271 7.37 -17.53 8.72
C ARG A 271 6.80 -16.72 9.89
N PRO A 272 7.31 -15.50 10.11
CA PRO A 272 6.84 -14.71 11.25
C PRO A 272 5.44 -14.20 11.02
N LYS A 273 4.80 -13.79 12.11
CA LYS A 273 3.46 -13.24 12.04
C LYS A 273 3.50 -11.72 11.97
N PHE A 274 2.50 -11.15 11.29
CA PHE A 274 2.42 -9.70 11.21
C PHE A 274 2.43 -9.07 12.58
N ARG A 275 1.74 -9.70 13.55
CA ARG A 275 1.76 -9.22 14.92
C ARG A 275 3.19 -9.13 15.44
N GLU A 276 4.04 -10.09 15.09
CA GLU A 276 5.43 -10.05 15.51
C GLU A 276 6.23 -8.99 14.73
N LEU A 277 5.89 -8.78 13.45
CA LEU A 277 6.64 -7.83 12.64
C LEU A 277 6.41 -6.39 13.10
N ILE A 278 5.19 -6.07 13.52
CA ILE A 278 4.95 -4.79 14.17
C ILE A 278 5.87 -4.63 15.37
N ILE A 279 5.95 -5.68 16.19
CA ILE A 279 6.74 -5.62 17.41
C ILE A 279 8.22 -5.44 17.10
N GLU A 280 8.76 -6.31 16.24
CA GLU A 280 10.19 -6.26 15.93
C GLU A 280 10.58 -4.91 15.31
N PHE A 281 9.78 -4.42 14.37
CA PHE A 281 10.17 -3.21 13.65
C PHE A 281 10.03 -1.96 14.53
N SER A 282 8.90 -1.82 15.23
CA SER A 282 8.74 -0.68 16.12
C SER A 282 9.83 -0.64 17.19
N LYS A 283 10.48 -1.78 17.45
CA LYS A 283 11.64 -1.83 18.33
C LYS A 283 12.84 -1.14 17.69
N MET A 284 13.22 -1.58 16.49
CA MET A 284 14.26 -0.91 15.72
C MET A 284 13.88 0.52 15.37
N ALA A 285 12.59 0.85 15.37
CA ALA A 285 12.16 2.22 15.10
C ALA A 285 12.50 3.18 16.24
N ARG A 286 13.09 2.69 17.33
CA ARG A 286 13.52 3.54 18.44
C ARG A 286 14.98 3.96 18.28
N ASP A 287 15.85 3.02 17.94
CA ASP A 287 17.22 3.33 17.56
C ASP A 287 17.37 3.04 16.08
N PRO A 288 16.94 3.95 15.20
CA PRO A 288 16.93 3.63 13.76
C PRO A 288 18.30 3.58 13.15
N GLN A 289 19.24 4.41 13.63
CA GLN A 289 20.62 4.36 13.16
C GLN A 289 21.33 3.09 13.61
N ARG A 290 20.72 2.33 14.53
CA ARG A 290 21.26 1.09 15.05
C ARG A 290 21.05 -0.07 14.10
N TYR A 291 20.10 0.04 13.17
CA TYR A 291 19.70 -1.06 12.31
C TYR A 291 19.66 -0.72 10.83
N LEU A 292 19.90 0.54 10.46
CA LEU A 292 19.97 0.92 9.05
C LEU A 292 21.10 1.93 8.89
N VAL A 293 22.07 1.62 8.04
CA VAL A 293 23.23 2.46 7.84
C VAL A 293 23.02 3.25 6.55
N ILE A 294 22.57 4.50 6.67
CA ILE A 294 22.41 5.39 5.54
C ILE A 294 23.32 6.59 5.78
N GLN A 295 24.31 6.76 4.91
CA GLN A 295 25.27 7.84 5.08
C GLN A 295 24.58 9.18 4.98
N GLY A 296 24.75 10.01 6.00
CA GLY A 296 24.05 11.27 6.08
C GLY A 296 22.66 11.18 6.66
N ASP A 297 22.38 10.14 7.44
CA ASP A 297 21.02 9.91 7.94
C ASP A 297 20.51 11.10 8.74
N GLU A 298 21.38 11.72 9.53
CA GLU A 298 20.93 12.80 10.41
C GLU A 298 20.57 14.06 9.63
N ARG A 299 21.15 14.26 8.45
CA ARG A 299 20.92 15.47 7.67
C ARG A 299 19.68 15.39 6.78
N MET A 300 19.12 14.20 6.60
CA MET A 300 18.01 13.95 5.69
C MET A 300 16.69 14.35 6.36
N HIS A 301 15.74 14.81 5.54
CA HIS A 301 14.36 14.94 5.99
C HIS A 301 13.46 15.16 4.77
N LEU A 302 12.16 15.06 5.00
CA LEU A 302 11.13 15.12 3.97
C LEU A 302 10.03 16.09 4.40
N PRO A 303 9.22 16.57 3.46
CA PRO A 303 8.30 17.69 3.76
C PRO A 303 7.27 17.34 4.81
N SER A 304 6.61 18.39 5.29
CA SER A 304 5.53 18.39 6.27
C SER A 304 4.26 18.91 5.61
N PRO A 305 3.07 18.53 6.10
CA PRO A 305 1.83 18.96 5.43
C PRO A 305 1.51 20.44 5.59
N THR A 306 2.18 21.29 4.80
CA THR A 306 1.84 22.70 4.76
C THR A 306 0.52 22.91 4.01
N ASP A 307 0.05 24.16 4.00
CA ASP A 307 -1.22 24.49 3.37
C ASP A 307 -0.99 24.75 1.88
N SER A 308 -0.78 23.67 1.14
CA SER A 308 -0.60 23.73 -0.31
C SER A 308 -1.86 23.25 -1.00
N ASN A 309 -2.33 24.01 -1.98
CA ASN A 309 -3.57 23.68 -2.69
C ASN A 309 -3.68 24.55 -3.93
N PHE A 310 -4.87 24.53 -4.53
CA PHE A 310 -5.19 25.29 -5.74
C PHE A 310 -6.33 26.25 -5.46
N ARG A 312 -7.93 29.76 -1.40
CA ARG A 312 -9.03 29.18 -2.16
C ARG A 312 -9.77 28.13 -1.34
N ALA A 313 -9.04 27.15 -0.82
CA ALA A 313 -9.62 26.06 -0.05
C ALA A 313 -9.32 26.30 1.42
N LEU A 314 -10.32 26.81 2.13
CA LEU A 314 -10.20 27.10 3.55
C LEU A 314 -10.97 26.14 4.43
N MET A 315 -11.54 25.06 3.87
CA MET A 315 -12.34 24.09 4.62
C MET A 315 -11.98 22.67 4.15
N ASP A 316 -10.79 22.19 4.47
CA ASP A 316 -10.31 20.91 3.93
C ASP A 316 -10.03 19.89 5.03
N GLU A 317 -10.45 18.65 4.81
CA GLU A 317 -10.26 17.53 5.74
C GLU A 317 -10.20 16.23 4.95
N GLU A 318 -10.04 15.09 5.65
CA GLU A 318 -10.18 13.79 4.99
C GLU A 318 -10.41 12.64 5.97
N ASP A 319 -9.41 12.32 6.80
CA ASP A 319 -9.57 11.29 7.82
C ASP A 319 -10.35 11.78 9.03
N MET A 320 -10.83 13.02 9.00
CA MET A 320 -11.60 13.57 10.10
C MET A 320 -13.09 13.65 9.80
N ASP A 321 -13.50 13.39 8.56
CA ASP A 321 -14.91 13.27 8.23
C ASP A 321 -15.39 11.88 8.60
N ASP A 322 -16.45 11.80 9.40
CA ASP A 322 -17.00 10.52 9.83
C ASP A 322 -18.52 10.46 9.62
#